data_3C7H
#
_entry.id   3C7H
#
_cell.length_a   67.770
_cell.length_b   74.230
_cell.length_c   107.340
_cell.angle_alpha   90.00
_cell.angle_beta   90.00
_cell.angle_gamma   90.00
#
_symmetry.space_group_name_H-M   'P 21 21 21'
#
loop_
_entity.id
_entity.type
_entity.pdbx_description
1 polymer Endo-1,4-beta-xylanase
2 branched beta-D-xylopyranose-(1-4)-beta-D-xylopyranose-(1-4)-beta-D-xylopyranose
3 non-polymer 'CALCIUM ION'
4 non-polymer 'SODIUM ION'
5 non-polymer GLYCEROL
6 non-polymer 'FORMIC ACID'
7 water water
#
_entity_poly.entity_id   1
_entity_poly.type   'polypeptide(L)'
_entity_poly.pdbx_seq_one_letter_code
;ATSTTIAKHIGNSNPLIDHHLGADPVALTYNGRVYIYMSSDDYEYNSNGTIKDNSFANLNRVFVISSADMVNWTDHGAIP
VAGANGANGGRGIAKWAGASWAPSIAVKKINGKDKFFLYFANSGGGIGVLTADSPIGPWTDPIGKPLVTPSTPGMSGVVW
LFDPAVFVDDDGTGYLYAGGGVPGVSNPTQGQWANPKTARVIKLGPDMTSVVGSASTIDAPFMFEDSGLHKYNGTYYYSY
CINFGGTHPADKPPGEIGYMTSSSPMGPFTYRGHFLKNPGAFFGGGGNNHHAVFNFKNEWYVVYHAQTVSSALFGAGKGY
RSPHINKLVHNADGSIQEVAANYAGVTQISNLNPYNRVEAETFAWNGRILTEKSTAPGGPVNNQHVTSIQNGDWIAVGNA
DFGAGGARSFKANVASTLGGKIEVRLDSADGKLVGTLNVPSTGGAQTWREIETAVSGATGVHKVFFVFTGTGTGNLFNFD
YWQFTQR
;
_entity_poly.pdbx_strand_id   A
#
loop_
_chem_comp.id
_chem_comp.type
_chem_comp.name
_chem_comp.formula
CA non-polymer 'CALCIUM ION' 'Ca 2'
FMT non-polymer 'FORMIC ACID' 'C H2 O2'
GOL non-polymer GLYCEROL 'C3 H8 O3'
NA non-polymer 'SODIUM ION' 'Na 1'
XYP D-saccharide, beta linking beta-D-xylopyranose 'C5 H10 O5'
#
# COMPACT_ATOMS: atom_id res chain seq x y z
N ALA A 1 6.42 21.31 18.84
CA ALA A 1 5.51 20.28 18.25
C ALA A 1 4.20 20.29 19.00
N THR A 2 3.09 20.50 18.28
CA THR A 2 1.80 20.48 18.96
C THR A 2 0.89 19.38 18.39
N SER A 3 0.92 19.20 17.06
CA SER A 3 0.03 18.24 16.40
C SER A 3 0.29 16.81 16.85
N THR A 4 -0.76 16.00 16.86
CA THR A 4 -0.69 14.62 17.34
C THR A 4 -0.77 13.66 16.14
N THR A 5 -0.31 12.43 16.33
CA THR A 5 -0.48 11.40 15.33
C THR A 5 -1.95 10.95 15.27
N ILE A 6 -2.45 10.66 14.07
CA ILE A 6 -3.85 10.20 13.91
C ILE A 6 -4.03 8.81 14.46
N ALA A 7 -3.21 7.86 13.98
CA ALA A 7 -3.40 6.47 14.30
C ALA A 7 -2.10 5.72 14.43
N LYS A 8 -1.11 6.09 13.62
CA LYS A 8 0.21 5.42 13.67
C LYS A 8 1.05 6.21 14.65
N HIS A 9 1.18 5.70 15.87
CA HIS A 9 1.81 6.46 16.95
C HIS A 9 3.30 6.23 16.91
N ILE A 10 4.05 7.21 17.39
CA ILE A 10 5.52 7.07 17.47
C ILE A 10 5.87 5.76 18.15
N GLY A 11 6.73 5.01 17.50
CA GLY A 11 7.19 3.75 18.03
C GLY A 11 6.41 2.56 17.49
N ASN A 12 5.28 2.82 16.84
CA ASN A 12 4.44 1.76 16.28
C ASN A 12 4.59 1.76 14.74
N SER A 13 4.37 0.59 14.13
CA SER A 13 4.53 0.43 12.68
C SER A 13 3.21 0.26 11.91
N ASN A 14 2.09 0.08 12.62
CA ASN A 14 0.75 0.04 11.98
C ASN A 14 -0.14 1.20 12.47
N PRO A 15 -1.02 1.75 11.58
CA PRO A 15 -1.04 1.51 10.11
C PRO A 15 0.26 1.99 9.49
N LEU A 16 0.60 1.54 8.27
CA LEU A 16 1.90 1.89 7.69
C LEU A 16 1.99 3.38 7.50
N ILE A 17 0.85 3.96 7.09
CA ILE A 17 0.73 5.41 6.88
C ILE A 17 -0.61 5.87 7.47
N ASP A 18 -0.66 7.14 7.87
CA ASP A 18 -1.94 7.73 8.31
C ASP A 18 -2.14 9.14 7.79
N HIS A 19 -1.26 9.62 6.91
CA HIS A 19 -1.51 10.95 6.34
C HIS A 19 -2.47 10.90 5.16
N HIS A 20 -2.81 9.69 4.72
CA HIS A 20 -3.91 9.47 3.77
C HIS A 20 -4.29 8.00 3.87
N LEU A 21 -5.25 7.55 3.07
CA LEU A 21 -5.75 6.19 3.15
C LEU A 21 -5.10 5.32 2.09
N GLY A 22 -5.41 4.02 2.15
CA GLY A 22 -4.99 3.08 1.11
C GLY A 22 -5.58 1.74 1.40
N ALA A 23 -6.38 1.24 0.46
CA ALA A 23 -7.12 -0.02 0.67
C ALA A 23 -6.57 -1.13 -0.22
N ASP A 24 -6.98 -2.38 0.03
CA ASP A 24 -6.66 -3.52 -0.84
C ASP A 24 -5.17 -3.62 -1.15
N PRO A 25 -4.33 -3.65 -0.11
CA PRO A 25 -2.88 -3.61 -0.39
C PRO A 25 -2.31 -4.91 -0.98
N VAL A 26 -1.24 -4.75 -1.76
CA VAL A 26 -0.45 -5.86 -2.27
C VAL A 26 1.02 -5.42 -2.21
N ALA A 27 1.92 -6.38 -2.11
CA ALA A 27 3.35 -6.13 -1.98
C ALA A 27 4.16 -6.61 -3.16
N LEU A 28 5.07 -5.76 -3.61
CA LEU A 28 6.15 -6.22 -4.47
C LEU A 28 7.45 -6.11 -3.67
N THR A 29 8.26 -7.18 -3.68
CA THR A 29 9.60 -7.04 -3.11
C THR A 29 10.59 -6.93 -4.25
N TYR A 30 11.40 -5.88 -4.22
CA TYR A 30 12.30 -5.65 -5.35
C TYR A 30 13.57 -4.95 -4.94
N ASN A 31 14.67 -5.69 -5.03
CA ASN A 31 16.01 -5.11 -4.84
C ASN A 31 16.20 -4.28 -3.57
N GLY A 32 15.87 -4.88 -2.45
CA GLY A 32 16.07 -4.24 -1.17
C GLY A 32 14.93 -3.35 -0.68
N ARG A 33 13.84 -3.25 -1.44
CA ARG A 33 12.67 -2.49 -0.97
C ARG A 33 11.39 -3.28 -1.11
N VAL A 34 10.40 -2.93 -0.28
CA VAL A 34 9.06 -3.50 -0.43
C VAL A 34 8.16 -2.35 -0.88
N TYR A 35 7.40 -2.57 -1.94
CA TYR A 35 6.48 -1.57 -2.48
C TYR A 35 5.08 -2.05 -2.19
N ILE A 36 4.25 -1.17 -1.65
CA ILE A 36 2.85 -1.50 -1.37
C ILE A 36 1.95 -0.69 -2.30
N TYR A 37 1.09 -1.39 -3.05
CA TYR A 37 0.20 -0.76 -4.03
C TYR A 37 -1.19 -0.87 -3.47
N MET A 38 -1.99 0.20 -3.59
CA MET A 38 -3.30 0.20 -2.93
C MET A 38 -4.39 0.83 -3.76
N SER A 39 -5.64 0.39 -3.57
CA SER A 39 -6.81 1.12 -4.07
C SER A 39 -6.83 2.50 -3.44
N SER A 40 -7.33 3.47 -4.19
CA SER A 40 -7.27 4.86 -3.77
C SER A 40 -8.45 5.31 -2.90
N ASP A 41 -8.59 4.73 -1.70
CA ASP A 41 -9.60 5.22 -0.77
C ASP A 41 -9.30 6.69 -0.48
N ASP A 42 -10.38 7.47 -0.40
CA ASP A 42 -10.28 8.91 -0.38
C ASP A 42 -11.60 9.41 0.21
N TYR A 43 -11.55 10.24 1.25
CA TYR A 43 -12.76 10.63 2.01
C TYR A 43 -13.81 11.25 1.07
N GLU A 44 -15.03 10.72 1.11
CA GLU A 44 -16.14 11.29 0.32
C GLU A 44 -17.00 12.16 1.25
N TYR A 45 -17.66 13.16 0.67
CA TYR A 45 -18.33 14.16 1.49
C TYR A 45 -19.72 14.42 0.97
N ASN A 46 -20.66 14.69 1.88
CA ASN A 46 -21.99 15.21 1.53
C ASN A 46 -21.81 16.64 1.00
N SER A 47 -22.84 17.18 0.34
CA SER A 47 -22.77 18.56 -0.15
C SER A 47 -22.52 19.61 0.96
N ASN A 48 -22.89 19.32 2.23
CA ASN A 48 -22.59 20.27 3.33
C ASN A 48 -21.22 20.10 3.99
N GLY A 49 -20.37 19.26 3.40
CA GLY A 49 -19.03 19.11 3.88
C GLY A 49 -18.85 18.07 4.96
N THR A 50 -19.92 17.38 5.32
CA THR A 50 -19.81 16.31 6.32
C THR A 50 -19.39 15.01 5.64
N ILE A 51 -18.74 14.15 6.39
CA ILE A 51 -18.14 12.94 5.83
C ILE A 51 -19.27 11.95 5.61
N LYS A 52 -19.22 11.22 4.50
CA LYS A 52 -20.14 10.13 4.30
C LYS A 52 -19.39 8.79 4.18
N ASP A 53 -20.14 7.69 4.15
CA ASP A 53 -19.52 6.38 4.03
C ASP A 53 -18.84 6.23 2.68
N ASN A 54 -17.76 5.45 2.64
CA ASN A 54 -17.09 5.12 1.41
C ASN A 54 -18.05 4.45 0.42
N SER A 55 -18.21 5.02 -0.79
CA SER A 55 -19.03 4.35 -1.82
C SER A 55 -18.16 3.77 -2.93
N PHE A 56 -16.83 3.91 -2.81
CA PHE A 56 -15.84 3.46 -3.81
C PHE A 56 -15.86 4.36 -5.05
N ALA A 57 -16.51 5.51 -4.95
CA ALA A 57 -16.61 6.44 -6.09
C ALA A 57 -15.25 6.83 -6.65
N ASN A 58 -14.30 6.99 -5.74
CA ASN A 58 -13.00 7.59 -6.07
CA ASN A 58 -13.00 7.58 -6.03
C ASN A 58 -11.90 6.54 -6.35
N LEU A 59 -12.28 5.27 -6.53
CA LEU A 59 -11.29 4.20 -6.71
C LEU A 59 -10.81 4.08 -8.15
N ASN A 60 -10.10 5.11 -8.59
CA ASN A 60 -9.68 5.30 -9.99
C ASN A 60 -8.16 5.55 -10.11
N ARG A 61 -7.46 5.48 -8.98
CA ARG A 61 -6.00 5.56 -8.94
C ARG A 61 -5.43 4.40 -8.16
N VAL A 62 -4.12 4.18 -8.29
CA VAL A 62 -3.43 3.25 -7.39
C VAL A 62 -2.37 4.05 -6.63
N PHE A 63 -2.44 4.01 -5.29
CA PHE A 63 -1.44 4.66 -4.43
C PHE A 63 -0.23 3.75 -4.21
N VAL A 64 0.97 4.29 -4.20
CA VAL A 64 2.19 3.49 -4.05
C VAL A 64 3.11 4.07 -2.96
N ILE A 65 3.53 3.23 -2.01
CA ILE A 65 4.52 3.65 -0.98
C ILE A 65 5.60 2.55 -0.95
N SER A 66 6.79 2.85 -0.47
CA SER A 66 7.80 1.79 -0.39
C SER A 66 8.69 2.00 0.82
N SER A 67 9.35 0.93 1.27
CA SER A 67 10.26 0.99 2.41
C SER A 67 11.43 0.00 2.28
N ALA A 68 12.59 0.39 2.82
CA ALA A 68 13.70 -0.56 2.96
C ALA A 68 13.71 -1.17 4.37
N ASP A 69 12.84 -0.68 5.26
CA ASP A 69 13.03 -1.00 6.70
C ASP A 69 11.76 -1.28 7.51
N MET A 70 10.59 -1.17 6.87
CA MET A 70 9.28 -1.55 7.47
C MET A 70 8.66 -0.45 8.33
N VAL A 71 9.39 0.64 8.53
CA VAL A 71 8.97 1.73 9.42
C VAL A 71 8.90 3.08 8.70
N ASN A 72 9.96 3.44 7.98
CA ASN A 72 9.98 4.64 7.13
C ASN A 72 9.40 4.30 5.76
N TRP A 73 8.34 5.01 5.37
CA TRP A 73 7.67 4.81 4.06
C TRP A 73 7.86 6.07 3.17
N THR A 74 8.35 5.84 1.95
CA THR A 74 8.41 6.82 0.86
C THR A 74 7.08 6.79 0.16
N ASP A 75 6.45 7.95 0.08
CA ASP A 75 5.20 8.07 -0.61
C ASP A 75 5.47 8.39 -2.08
N HIS A 76 5.02 7.50 -2.97
CA HIS A 76 5.34 7.65 -4.39
C HIS A 76 4.12 8.20 -5.13
N GLY A 77 3.13 8.63 -4.34
CA GLY A 77 1.94 9.25 -4.86
C GLY A 77 0.99 8.25 -5.50
N ALA A 78 0.39 8.66 -6.62
CA ALA A 78 -0.77 7.96 -7.19
C ALA A 78 -0.57 7.74 -8.69
N ILE A 79 -0.91 6.55 -9.14
CA ILE A 79 -0.92 6.24 -10.56
C ILE A 79 -2.35 6.48 -11.05
N PRO A 80 -2.50 7.36 -12.06
CA PRO A 80 -3.84 7.66 -12.57
C PRO A 80 -4.29 6.54 -13.52
N VAL A 81 -4.62 5.38 -12.95
CA VAL A 81 -4.92 4.18 -13.77
C VAL A 81 -6.16 4.35 -14.64
N ALA A 82 -7.29 4.67 -14.01
CA ALA A 82 -8.56 4.75 -14.72
C ALA A 82 -8.62 6.00 -15.60
N GLY A 83 -8.94 5.80 -16.88
CA GLY A 83 -9.05 6.90 -17.83
C GLY A 83 -10.41 7.10 -18.46
N ALA A 84 -11.40 6.27 -18.12
CA ALA A 84 -12.73 6.37 -18.72
C ALA A 84 -13.56 7.41 -17.99
N ASN A 85 -14.69 7.78 -18.59
CA ASN A 85 -15.64 8.75 -18.00
C ASN A 85 -14.90 10.04 -17.59
N GLY A 86 -15.09 10.48 -16.35
CA GLY A 86 -14.30 11.63 -15.93
C GLY A 86 -12.84 11.33 -15.60
N ALA A 87 -12.59 10.09 -15.17
CA ALA A 87 -11.47 9.77 -14.28
C ALA A 87 -10.12 10.44 -14.57
N ASN A 88 -9.52 10.97 -13.51
CA ASN A 88 -8.16 11.52 -13.54
C ASN A 88 -7.94 12.69 -14.51
N GLY A 89 -8.99 13.49 -14.73
CA GLY A 89 -8.89 14.75 -15.49
C GLY A 89 -8.20 14.66 -16.84
N GLY A 90 -8.53 13.61 -17.60
CA GLY A 90 -7.90 13.37 -18.90
C GLY A 90 -6.54 12.71 -18.87
N ARG A 91 -5.94 12.56 -17.68
CA ARG A 91 -4.60 11.98 -17.53
C ARG A 91 -4.60 10.47 -17.29
N GLY A 92 -5.79 9.86 -17.24
CA GLY A 92 -5.93 8.43 -16.96
C GLY A 92 -5.22 7.58 -18.00
N ILE A 93 -4.65 6.47 -17.55
CA ILE A 93 -3.78 5.70 -18.44
C ILE A 93 -4.57 4.68 -19.25
N ALA A 94 -5.50 3.97 -18.57
CA ALA A 94 -6.31 2.91 -19.13
C ALA A 94 -7.63 3.54 -19.53
N LYS A 95 -7.72 3.97 -20.80
CA LYS A 95 -8.81 4.79 -21.29
C LYS A 95 -10.16 4.06 -21.30
N TRP A 96 -10.13 2.73 -21.25
CA TRP A 96 -11.32 1.88 -21.30
C TRP A 96 -11.89 1.65 -19.89
N ALA A 97 -11.09 1.98 -18.85
CA ALA A 97 -11.41 1.64 -17.46
C ALA A 97 -11.93 2.85 -16.67
N GLY A 98 -13.11 2.72 -16.08
CA GLY A 98 -13.59 3.75 -15.13
C GLY A 98 -13.11 3.57 -13.68
N ALA A 99 -12.56 2.40 -13.36
CA ALA A 99 -12.14 2.12 -11.99
C ALA A 99 -10.84 1.31 -12.02
N SER A 100 -10.10 1.35 -10.93
CA SER A 100 -8.91 0.49 -10.83
C SER A 100 -8.81 -0.02 -9.39
N TRP A 101 -9.55 -1.09 -9.12
CA TRP A 101 -9.67 -1.63 -7.75
C TRP A 101 -8.63 -2.70 -7.53
N ALA A 102 -8.13 -2.77 -6.30
CA ALA A 102 -7.46 -3.97 -5.79
C ALA A 102 -6.29 -4.46 -6.65
N PRO A 103 -5.22 -3.65 -6.69
CA PRO A 103 -4.09 -3.90 -7.59
C PRO A 103 -3.39 -5.23 -7.32
N SER A 104 -2.76 -5.79 -8.35
CA SER A 104 -1.74 -6.81 -8.10
C SER A 104 -0.50 -6.35 -8.87
N ILE A 105 0.67 -6.89 -8.53
CA ILE A 105 1.92 -6.35 -9.06
C ILE A 105 2.83 -7.53 -9.31
N ALA A 106 3.60 -7.50 -10.41
CA ALA A 106 4.60 -8.55 -10.62
C ALA A 106 5.81 -7.97 -11.30
N VAL A 107 6.96 -8.59 -11.07
CA VAL A 107 8.15 -8.27 -11.87
C VAL A 107 8.64 -9.52 -12.64
N LYS A 108 9.12 -9.33 -13.86
CA LYS A 108 9.69 -10.44 -14.62
C LYS A 108 10.85 -9.93 -15.46
N LYS A 109 11.94 -10.67 -15.51
CA LYS A 109 13.05 -10.23 -16.36
C LYS A 109 12.69 -10.68 -17.75
N ILE A 110 12.57 -9.73 -18.66
CA ILE A 110 12.32 -10.05 -20.07
C ILE A 110 13.39 -9.41 -20.97
N ASN A 111 14.03 -10.23 -21.79
CA ASN A 111 15.15 -9.76 -22.63
C ASN A 111 16.26 -9.11 -21.79
N GLY A 112 16.63 -9.77 -20.70
CA GLY A 112 17.62 -9.26 -19.75
C GLY A 112 17.32 -7.97 -19.00
N LYS A 113 16.08 -7.50 -19.05
CA LYS A 113 15.68 -6.33 -18.30
C LYS A 113 14.44 -6.62 -17.45
N ASP A 114 14.44 -6.16 -16.20
CA ASP A 114 13.28 -6.25 -15.32
C ASP A 114 12.11 -5.42 -15.86
N LYS A 115 10.96 -6.07 -16.00
CA LYS A 115 9.75 -5.35 -16.43
C LYS A 115 8.65 -5.54 -15.38
N PHE A 116 7.82 -4.50 -15.17
CA PHE A 116 6.84 -4.50 -14.07
C PHE A 116 5.44 -4.44 -14.65
N PHE A 117 4.52 -5.11 -13.96
CA PHE A 117 3.17 -5.33 -14.45
C PHE A 117 2.21 -5.08 -13.31
N LEU A 118 1.35 -4.08 -13.49
CA LEU A 118 0.35 -3.70 -12.49
C LEU A 118 -1.03 -4.15 -12.96
N TYR A 119 -1.70 -5.00 -12.20
CA TYR A 119 -3.02 -5.49 -12.59
C TYR A 119 -4.07 -4.84 -11.72
N PHE A 120 -5.31 -4.71 -12.22
CA PHE A 120 -6.33 -4.06 -11.45
C PHE A 120 -7.70 -4.53 -11.97
N ALA A 121 -8.73 -4.30 -11.18
CA ALA A 121 -10.07 -4.66 -11.59
C ALA A 121 -10.83 -3.42 -11.97
N ASN A 122 -11.46 -3.44 -13.13
CA ASN A 122 -12.32 -2.35 -13.55
C ASN A 122 -13.69 -2.59 -12.90
N SER A 123 -13.79 -2.27 -11.61
CA SER A 123 -14.89 -2.76 -10.77
C SER A 123 -15.03 -4.29 -10.95
N GLY A 124 -16.27 -4.76 -11.12
CA GLY A 124 -16.53 -6.18 -11.03
C GLY A 124 -16.50 -6.91 -12.36
N GLY A 125 -16.23 -6.15 -13.44
CA GLY A 125 -16.22 -6.76 -14.79
C GLY A 125 -14.97 -6.54 -15.64
N GLY A 126 -13.84 -7.10 -15.22
CA GLY A 126 -12.66 -7.18 -16.08
C GLY A 126 -11.34 -6.80 -15.41
N ILE A 127 -10.31 -7.56 -15.70
CA ILE A 127 -9.01 -7.28 -15.13
C ILE A 127 -8.17 -6.57 -16.20
N GLY A 128 -7.47 -5.50 -15.83
CA GLY A 128 -6.55 -4.83 -16.73
C GLY A 128 -5.11 -4.94 -16.26
N VAL A 129 -4.17 -4.54 -17.12
CA VAL A 129 -2.74 -4.52 -16.79
C VAL A 129 -2.09 -3.27 -17.39
N LEU A 130 -1.17 -2.65 -16.64
CA LEU A 130 -0.28 -1.60 -17.14
C LEU A 130 1.15 -2.15 -16.97
N THR A 131 2.10 -1.64 -17.78
CA THR A 131 3.50 -2.07 -17.72
C THR A 131 4.40 -0.88 -17.43
N ALA A 132 5.60 -1.15 -16.90
CA ALA A 132 6.56 -0.09 -16.70
C ALA A 132 7.94 -0.69 -16.60
N ASP A 133 8.95 0.17 -16.67
CA ASP A 133 10.33 -0.26 -16.53
C ASP A 133 10.91 0.00 -15.14
N SER A 134 10.08 0.46 -14.22
CA SER A 134 10.49 0.62 -12.82
C SER A 134 9.26 0.35 -11.98
N PRO A 135 9.43 0.01 -10.68
CA PRO A 135 8.26 -0.31 -9.85
C PRO A 135 7.33 0.89 -9.63
N ILE A 136 7.79 2.10 -9.96
CA ILE A 136 6.96 3.30 -9.78
C ILE A 136 6.65 4.01 -11.08
N GLY A 137 6.81 3.34 -12.21
CA GLY A 137 6.41 3.96 -13.50
C GLY A 137 7.57 4.66 -14.23
N PRO A 138 7.24 5.47 -15.26
CA PRO A 138 5.87 5.69 -15.74
C PRO A 138 5.19 4.46 -16.38
N TRP A 139 3.86 4.49 -16.45
CA TRP A 139 3.07 3.31 -16.84
C TRP A 139 2.46 3.43 -18.23
N THR A 140 2.31 2.28 -18.91
CA THR A 140 1.74 2.18 -20.26
C THR A 140 0.61 1.17 -20.25
N ASP A 141 -0.47 1.47 -20.97
CA ASP A 141 -1.51 0.48 -21.24
C ASP A 141 -1.16 -0.18 -22.59
N PRO A 142 -0.61 -1.40 -22.57
CA PRO A 142 -0.18 -2.01 -23.87
C PRO A 142 -1.30 -2.72 -24.67
N ILE A 143 -2.50 -2.81 -24.11
CA ILE A 143 -3.60 -3.56 -24.74
C ILE A 143 -4.74 -2.64 -25.20
N GLY A 144 -5.18 -1.73 -24.32
CA GLY A 144 -6.26 -0.80 -24.65
C GLY A 144 -7.65 -1.33 -24.34
N LYS A 145 -7.70 -2.52 -23.74
CA LYS A 145 -8.96 -3.11 -23.32
C LYS A 145 -8.62 -4.10 -22.21
N PRO A 146 -9.66 -4.66 -21.54
CA PRO A 146 -9.36 -5.62 -20.46
C PRO A 146 -8.49 -6.80 -20.89
N LEU A 147 -7.63 -7.26 -19.96
CA LEU A 147 -6.85 -8.48 -20.14
C LEU A 147 -7.76 -9.73 -20.04
N VAL A 148 -8.61 -9.74 -19.02
CA VAL A 148 -9.54 -10.84 -18.78
C VAL A 148 -10.97 -10.29 -18.63
N THR A 149 -11.93 -10.95 -19.27
CA THR A 149 -13.37 -10.62 -19.14
C THR A 149 -14.15 -11.93 -18.88
N PRO A 150 -15.48 -11.83 -18.63
CA PRO A 150 -16.34 -13.05 -18.62
C PRO A 150 -16.23 -13.97 -19.86
N SER A 151 -15.81 -13.43 -21.00
CA SER A 151 -15.64 -14.25 -22.20
C SER A 151 -14.31 -14.97 -22.28
N THR A 152 -13.35 -14.62 -21.43
CA THR A 152 -12.08 -15.38 -21.40
C THR A 152 -12.45 -16.86 -21.12
N PRO A 153 -11.86 -17.81 -21.86
CA PRO A 153 -12.19 -19.23 -21.61
C PRO A 153 -12.02 -19.63 -20.13
N GLY A 154 -13.04 -20.28 -19.58
CA GLY A 154 -13.02 -20.76 -18.19
C GLY A 154 -13.52 -19.74 -17.19
N MET A 155 -13.73 -18.49 -17.63
CA MET A 155 -14.14 -17.41 -16.72
C MET A 155 -15.64 -17.28 -16.56
N SER A 156 -16.43 -18.01 -17.35
CA SER A 156 -17.87 -17.94 -17.08
C SER A 156 -18.13 -18.71 -15.79
N GLY A 157 -19.12 -18.28 -15.04
CA GLY A 157 -19.30 -18.83 -13.71
C GLY A 157 -18.86 -17.85 -12.65
N VAL A 158 -17.93 -16.95 -12.97
CA VAL A 158 -17.41 -16.02 -11.97
C VAL A 158 -18.49 -14.97 -11.71
N VAL A 159 -18.82 -14.73 -10.45
CA VAL A 159 -19.84 -13.77 -10.11
C VAL A 159 -19.25 -12.35 -10.12
N TRP A 160 -18.13 -12.16 -9.41
CA TRP A 160 -17.41 -10.89 -9.42
C TRP A 160 -16.02 -11.12 -9.98
N LEU A 161 -15.76 -10.65 -11.19
CA LEU A 161 -14.45 -10.86 -11.80
C LEU A 161 -13.48 -9.78 -11.35
N PHE A 162 -13.06 -9.90 -10.10
CA PHE A 162 -12.13 -8.92 -9.55
C PHE A 162 -11.01 -9.51 -8.63
N ASP A 163 -10.45 -8.64 -7.79
CA ASP A 163 -9.35 -8.98 -6.86
C ASP A 163 -8.31 -9.87 -7.52
N PRO A 164 -7.57 -9.33 -8.51
CA PRO A 164 -6.54 -10.17 -9.13
C PRO A 164 -5.35 -10.40 -8.20
N ALA A 165 -4.69 -11.53 -8.37
CA ALA A 165 -3.40 -11.80 -7.73
C ALA A 165 -2.56 -12.46 -8.80
N VAL A 166 -1.39 -11.90 -9.10
CA VAL A 166 -0.53 -12.43 -10.16
C VAL A 166 0.79 -12.85 -9.54
N PHE A 167 1.23 -14.04 -9.89
CA PHE A 167 2.40 -14.67 -9.29
C PHE A 167 3.32 -15.07 -10.44
N VAL A 168 4.63 -14.75 -10.34
CA VAL A 168 5.60 -15.27 -11.32
C VAL A 168 6.33 -16.43 -10.67
N ASP A 169 6.15 -17.64 -11.21
CA ASP A 169 6.70 -18.84 -10.59
C ASP A 169 8.22 -18.88 -10.79
N ASP A 170 8.91 -19.80 -10.10
CA ASP A 170 10.38 -19.94 -10.25
C ASP A 170 10.87 -20.21 -11.68
N ASP A 171 10.04 -20.89 -12.46
CA ASP A 171 10.39 -21.18 -13.86
C ASP A 171 10.06 -19.98 -14.76
N GLY A 172 9.61 -18.87 -14.19
CA GLY A 172 9.25 -17.69 -14.98
C GLY A 172 7.83 -17.62 -15.51
N THR A 173 7.02 -18.64 -15.27
CA THR A 173 5.64 -18.61 -15.75
C THR A 173 4.79 -17.80 -14.80
N GLY A 174 4.04 -16.86 -15.37
CA GLY A 174 3.09 -16.06 -14.62
C GLY A 174 1.73 -16.73 -14.53
N TYR A 175 1.05 -16.53 -13.40
CA TYR A 175 -0.32 -17.03 -13.20
C TYR A 175 -1.19 -15.93 -12.59
N LEU A 176 -2.42 -15.83 -13.09
CA LEU A 176 -3.39 -14.87 -12.59
C LEU A 176 -4.50 -15.61 -11.85
N TYR A 177 -4.72 -15.23 -10.60
CA TYR A 177 -5.84 -15.72 -9.80
C TYR A 177 -6.81 -14.56 -9.71
N ALA A 178 -8.11 -14.84 -9.80
CA ALA A 178 -9.11 -13.77 -9.75
C ALA A 178 -10.47 -14.33 -9.43
N GLY A 179 -11.42 -13.45 -9.13
CA GLY A 179 -12.82 -13.86 -9.00
C GLY A 179 -13.34 -13.75 -7.58
N GLY A 180 -14.50 -14.38 -7.37
CA GLY A 180 -15.25 -14.30 -6.14
C GLY A 180 -16.72 -13.97 -6.42
N GLY A 181 -17.42 -13.54 -5.39
CA GLY A 181 -18.87 -13.41 -5.47
C GLY A 181 -19.47 -14.77 -5.15
N VAL A 182 -20.78 -14.76 -4.92
CA VAL A 182 -21.47 -15.97 -4.54
C VAL A 182 -22.69 -16.07 -5.46
N PRO A 183 -22.85 -17.20 -6.16
CA PRO A 183 -24.00 -17.36 -7.07
C PRO A 183 -25.31 -17.46 -6.28
N GLY A 184 -26.43 -17.19 -6.96
CA GLY A 184 -27.75 -17.23 -6.32
C GLY A 184 -28.32 -15.86 -6.00
N VAL A 185 -27.67 -14.81 -6.51
CA VAL A 185 -28.10 -13.40 -6.43
C VAL A 185 -28.49 -12.96 -5.02
N SER A 186 -29.78 -12.71 -4.77
CA SER A 186 -30.19 -12.20 -3.43
C SER A 186 -30.24 -13.24 -2.31
N ASN A 187 -30.54 -14.51 -2.63
CA ASN A 187 -30.60 -15.57 -1.61
C ASN A 187 -29.88 -16.82 -2.07
N PRO A 188 -28.56 -16.87 -1.89
CA PRO A 188 -27.85 -18.10 -2.21
C PRO A 188 -28.35 -19.20 -1.29
N THR A 189 -28.39 -20.44 -1.80
CA THR A 189 -28.62 -21.60 -0.96
C THR A 189 -27.41 -21.81 -0.06
N GLN A 190 -27.60 -22.60 0.99
CA GLN A 190 -26.49 -23.04 1.81
C GLN A 190 -25.32 -23.57 0.98
N GLY A 191 -25.61 -24.41 -0.01
CA GLY A 191 -24.56 -25.04 -0.83
C GLY A 191 -23.80 -24.05 -1.71
N GLN A 192 -24.52 -23.01 -2.16
CA GLN A 192 -23.90 -21.92 -2.92
C GLN A 192 -22.95 -21.09 -2.04
N TRP A 193 -23.37 -20.77 -0.79
CA TRP A 193 -22.43 -20.18 0.17
C TRP A 193 -21.17 -21.05 0.38
N ALA A 194 -21.36 -22.37 0.55
CA ALA A 194 -20.24 -23.26 0.87
C ALA A 194 -19.30 -23.50 -0.31
N ASN A 195 -19.86 -23.58 -1.51
CA ASN A 195 -19.05 -23.78 -2.73
C ASN A 195 -19.43 -22.82 -3.86
N PRO A 196 -19.08 -21.53 -3.71
CA PRO A 196 -19.39 -20.58 -4.77
C PRO A 196 -18.81 -20.97 -6.13
N LYS A 197 -17.65 -21.61 -6.14
CA LYS A 197 -16.96 -21.99 -7.36
C LYS A 197 -16.70 -20.80 -8.29
N THR A 198 -16.37 -19.66 -7.68
CA THR A 198 -16.18 -18.43 -8.40
C THR A 198 -14.70 -18.00 -8.47
N ALA A 199 -13.81 -18.74 -7.79
CA ALA A 199 -12.34 -18.45 -7.87
C ALA A 199 -11.74 -19.14 -9.09
N ARG A 200 -10.84 -18.45 -9.76
CA ARG A 200 -10.23 -18.92 -11.01
C ARG A 200 -8.72 -18.73 -10.97
N VAL A 201 -8.00 -19.62 -11.65
CA VAL A 201 -6.59 -19.37 -11.98
C VAL A 201 -6.46 -19.61 -13.48
N ILE A 202 -5.68 -18.75 -14.14
CA ILE A 202 -5.33 -18.88 -15.55
C ILE A 202 -3.83 -18.60 -15.75
N LYS A 203 -3.19 -19.40 -16.60
CA LYS A 203 -1.79 -19.18 -16.91
C LYS A 203 -1.67 -17.94 -17.78
N LEU A 204 -0.63 -17.14 -17.52
CA LEU A 204 -0.33 -15.98 -18.35
C LEU A 204 0.62 -16.36 -19.46
N GLY A 205 0.56 -15.64 -20.57
CA GLY A 205 1.58 -15.79 -21.60
C GLY A 205 2.93 -15.26 -21.13
N PRO A 206 4.02 -15.59 -21.87
CA PRO A 206 5.37 -15.12 -21.54
C PRO A 206 5.46 -13.60 -21.30
N ASP A 207 4.68 -12.82 -22.06
CA ASP A 207 4.74 -11.39 -21.99
C ASP A 207 4.02 -10.77 -20.75
N MET A 208 3.29 -11.60 -20.02
CA MET A 208 2.56 -11.20 -18.81
C MET A 208 1.37 -10.29 -19.09
N THR A 209 1.10 -10.06 -20.38
CA THR A 209 0.01 -9.21 -20.82
C THR A 209 -0.95 -9.97 -21.77
N SER A 210 -1.06 -11.27 -21.55
CA SER A 210 -1.93 -12.15 -22.31
C SER A 210 -2.16 -13.38 -21.45
N VAL A 211 -3.14 -14.22 -21.82
CA VAL A 211 -3.40 -15.48 -21.13
C VAL A 211 -3.13 -16.65 -22.08
N VAL A 212 -2.86 -17.83 -21.51
CA VAL A 212 -2.72 -19.06 -22.29
C VAL A 212 -3.79 -20.06 -21.82
N GLY A 213 -4.45 -20.70 -22.78
CA GLY A 213 -5.46 -21.74 -22.48
C GLY A 213 -6.71 -21.21 -21.81
N SER A 214 -7.27 -22.00 -20.89
CA SER A 214 -8.46 -21.55 -20.17
C SER A 214 -8.22 -21.53 -18.66
N ALA A 215 -9.07 -20.78 -17.97
CA ALA A 215 -9.01 -20.67 -16.52
C ALA A 215 -9.51 -21.96 -15.85
N SER A 216 -8.84 -22.40 -14.79
CA SER A 216 -9.34 -23.47 -13.90
C SER A 216 -10.09 -22.88 -12.70
N THR A 217 -11.15 -23.57 -12.29
CA THR A 217 -11.83 -23.26 -11.06
C THR A 217 -11.04 -23.77 -9.90
N ILE A 218 -10.85 -22.91 -8.91
CA ILE A 218 -10.39 -23.33 -7.60
C ILE A 218 -11.61 -23.38 -6.69
N ASP A 219 -11.90 -24.57 -6.18
CA ASP A 219 -13.07 -24.78 -5.30
C ASP A 219 -12.74 -24.39 -3.87
N ALA A 220 -12.60 -23.08 -3.64
CA ALA A 220 -12.28 -22.55 -2.31
C ALA A 220 -13.55 -22.58 -1.50
N PRO A 221 -13.56 -23.36 -0.38
CA PRO A 221 -14.79 -23.46 0.38
C PRO A 221 -15.16 -22.09 0.97
N PHE A 222 -16.44 -21.72 0.85
CA PHE A 222 -16.96 -20.40 1.27
C PHE A 222 -16.13 -19.24 0.68
N MET A 223 -15.76 -19.37 -0.59
CA MET A 223 -15.06 -18.30 -1.30
C MET A 223 -15.83 -16.98 -1.21
N PHE A 224 -15.08 -15.88 -1.04
CA PHE A 224 -15.69 -14.55 -1.20
C PHE A 224 -14.94 -13.68 -2.20
N GLU A 225 -13.66 -13.41 -1.93
CA GLU A 225 -12.90 -12.49 -2.82
C GLU A 225 -11.45 -12.51 -2.32
N ASP A 226 -10.64 -11.54 -2.74
CA ASP A 226 -9.30 -11.35 -2.17
C ASP A 226 -8.37 -12.56 -2.38
N SER A 227 -8.28 -13.04 -3.62
CA SER A 227 -7.30 -14.07 -3.99
C SER A 227 -5.92 -13.62 -3.60
N GLY A 228 -5.09 -14.60 -3.23
CA GLY A 228 -3.66 -14.37 -2.97
C GLY A 228 -2.93 -15.69 -3.21
N LEU A 229 -1.66 -15.59 -3.55
CA LEU A 229 -0.82 -16.74 -3.84
C LEU A 229 0.56 -16.43 -3.30
N HIS A 230 1.10 -17.30 -2.44
CA HIS A 230 2.54 -17.31 -2.18
C HIS A 230 3.07 -18.74 -2.25
N LYS A 231 4.39 -18.87 -2.39
CA LYS A 231 4.97 -20.20 -2.49
C LYS A 231 5.98 -20.36 -1.36
N TYR A 232 5.82 -21.40 -0.56
CA TYR A 232 6.70 -21.63 0.59
C TYR A 232 7.14 -23.09 0.55
N ASN A 233 8.44 -23.30 0.60
CA ASN A 233 9.05 -24.63 0.61
C ASN A 233 8.49 -25.54 -0.49
N GLY A 234 8.30 -24.97 -1.68
CA GLY A 234 7.95 -25.75 -2.87
C GLY A 234 6.46 -25.96 -3.01
N THR A 235 5.67 -25.45 -2.06
CA THR A 235 4.20 -25.63 -2.08
C THR A 235 3.54 -24.32 -2.33
N TYR A 236 2.48 -24.35 -3.13
CA TYR A 236 1.75 -23.16 -3.49
C TYR A 236 0.56 -23.01 -2.56
N TYR A 237 0.44 -21.80 -2.03
CA TYR A 237 -0.56 -21.46 -1.07
C TYR A 237 -1.51 -20.45 -1.68
N TYR A 238 -2.72 -20.89 -1.99
CA TYR A 238 -3.79 -20.03 -2.47
C TYR A 238 -4.60 -19.57 -1.26
N SER A 239 -4.63 -18.26 -1.00
CA SER A 239 -5.35 -17.76 0.14
C SER A 239 -6.48 -16.84 -0.35
N TYR A 240 -7.50 -16.63 0.48
CA TYR A 240 -8.67 -15.89 0.04
C TYR A 240 -9.49 -15.45 1.25
N CYS A 241 -10.38 -14.50 1.06
CA CYS A 241 -11.30 -14.10 2.11
C CYS A 241 -12.54 -14.98 2.05
N ILE A 242 -12.84 -15.63 3.18
CA ILE A 242 -14.02 -16.48 3.41
C ILE A 242 -15.24 -15.56 3.49
N ASN A 243 -16.35 -15.97 2.88
CA ASN A 243 -17.57 -15.16 2.86
C ASN A 243 -18.30 -15.05 4.22
N PHE A 244 -19.39 -14.29 4.27
CA PHE A 244 -20.07 -13.99 5.53
C PHE A 244 -21.45 -14.66 5.63
N GLY A 245 -21.89 -15.31 4.56
CA GLY A 245 -23.25 -15.88 4.50
C GLY A 245 -23.34 -17.37 4.77
N GLY A 246 -24.56 -17.82 5.03
CA GLY A 246 -24.82 -19.24 5.29
C GLY A 246 -24.32 -19.59 6.67
N THR A 247 -24.52 -20.84 7.07
CA THR A 247 -23.84 -21.35 8.24
C THR A 247 -22.40 -21.72 7.84
N HIS A 248 -21.48 -21.53 8.78
CA HIS A 248 -20.07 -21.88 8.56
C HIS A 248 -19.63 -22.86 9.62
N PRO A 249 -18.79 -23.84 9.23
CA PRO A 249 -18.14 -24.72 10.19
C PRO A 249 -17.06 -23.94 10.95
N ALA A 250 -16.70 -24.47 12.12
CA ALA A 250 -15.68 -23.85 13.00
C ALA A 250 -14.35 -23.58 12.29
N ASP A 251 -13.99 -24.42 11.32
CA ASP A 251 -12.69 -24.29 10.63
C ASP A 251 -12.69 -23.34 9.44
N LYS A 252 -13.86 -22.79 9.11
CA LYS A 252 -13.99 -21.80 8.00
C LYS A 252 -14.81 -20.60 8.46
N PRO A 253 -14.25 -19.81 9.41
CA PRO A 253 -15.02 -18.77 10.04
C PRO A 253 -15.22 -17.59 9.09
N PRO A 254 -16.43 -17.02 9.14
CA PRO A 254 -16.84 -15.96 8.24
C PRO A 254 -15.89 -14.74 8.24
N GLY A 255 -15.52 -14.24 7.04
CA GLY A 255 -14.74 -13.01 6.93
C GLY A 255 -13.24 -13.14 7.24
N GLU A 256 -12.78 -14.35 7.47
CA GLU A 256 -11.38 -14.59 7.82
C GLU A 256 -10.59 -15.09 6.60
N ILE A 257 -9.26 -15.02 6.67
CA ILE A 257 -8.44 -15.41 5.51
C ILE A 257 -8.22 -16.92 5.55
N GLY A 258 -8.84 -17.61 4.62
CA GLY A 258 -8.64 -19.05 4.49
C GLY A 258 -7.45 -19.33 3.59
N TYR A 259 -6.92 -20.56 3.66
CA TYR A 259 -5.87 -20.95 2.69
C TYR A 259 -5.87 -22.42 2.31
N MET A 260 -5.38 -22.68 1.10
CA MET A 260 -5.31 -23.99 0.49
C MET A 260 -3.91 -24.24 -0.08
N THR A 261 -3.50 -25.50 -0.12
CA THR A 261 -2.22 -25.84 -0.71
C THR A 261 -2.31 -26.77 -1.92
N SER A 262 -1.31 -26.66 -2.80
CA SER A 262 -1.16 -27.59 -3.90
C SER A 262 0.32 -27.74 -4.21
N SER A 263 0.69 -28.85 -4.85
CA SER A 263 2.05 -29.01 -5.38
CA SER A 263 2.05 -28.98 -5.38
C SER A 263 2.17 -28.36 -6.76
N SER A 264 1.06 -27.86 -7.32
CA SER A 264 1.10 -27.17 -8.61
C SER A 264 0.35 -25.84 -8.54
N PRO A 265 0.79 -24.85 -9.35
CA PRO A 265 0.17 -23.52 -9.23
C PRO A 265 -1.31 -23.45 -9.60
N MET A 266 -1.77 -24.39 -10.42
CA MET A 266 -3.18 -24.42 -10.87
C MET A 266 -4.00 -25.50 -10.18
N GLY A 267 -3.39 -26.13 -9.18
CA GLY A 267 -4.07 -27.11 -8.35
C GLY A 267 -3.74 -28.57 -8.71
N PRO A 268 -4.46 -29.54 -8.09
CA PRO A 268 -5.59 -29.31 -7.18
C PRO A 268 -5.18 -28.76 -5.80
N PHE A 269 -5.96 -27.80 -5.29
CA PHE A 269 -5.74 -27.22 -3.98
C PHE A 269 -6.55 -27.95 -2.94
N THR A 270 -6.02 -28.03 -1.71
CA THR A 270 -6.71 -28.62 -0.56
C THR A 270 -6.77 -27.61 0.56
N TYR A 271 -7.98 -27.33 1.08
CA TYR A 271 -8.15 -26.40 2.21
C TYR A 271 -7.34 -26.85 3.42
N ARG A 272 -6.62 -25.91 4.04
CA ARG A 272 -5.80 -26.26 5.20
CA ARG A 272 -5.75 -26.22 5.19
C ARG A 272 -6.19 -25.51 6.46
N GLY A 273 -6.79 -24.33 6.33
CA GLY A 273 -7.12 -23.61 7.54
C GLY A 273 -7.24 -22.13 7.25
N HIS A 274 -7.09 -21.31 8.28
CA HIS A 274 -7.28 -19.87 8.19
C HIS A 274 -6.21 -19.20 9.08
N PHE A 275 -5.76 -18.00 8.72
CA PHE A 275 -4.67 -17.38 9.48
C PHE A 275 -4.81 -15.87 9.80
N LEU A 276 -5.92 -15.26 9.43
CA LEU A 276 -6.13 -13.86 9.77
C LEU A 276 -7.60 -13.58 10.04
N LYS A 277 -7.90 -13.18 11.28
CA LYS A 277 -9.26 -12.83 11.68
C LYS A 277 -9.73 -11.55 10.97
N ASN A 278 -11.04 -11.27 11.03
CA ASN A 278 -11.62 -10.03 10.54
C ASN A 278 -10.89 -8.87 11.22
N PRO A 279 -10.67 -7.74 10.51
CA PRO A 279 -10.01 -6.58 11.16
C PRO A 279 -10.71 -6.16 12.46
N GLY A 280 -12.03 -6.31 12.54
CA GLY A 280 -12.77 -5.86 13.73
C GLY A 280 -12.57 -6.75 14.93
N ALA A 281 -11.99 -7.93 14.71
CA ALA A 281 -11.57 -8.74 15.82
C ALA A 281 -10.42 -8.06 16.57
N PHE A 282 -9.65 -7.21 15.88
CA PHE A 282 -8.47 -6.60 16.51
C PHE A 282 -8.65 -5.10 16.74
N PHE A 283 -9.40 -4.43 15.86
CA PHE A 283 -9.44 -2.99 15.84
C PHE A 283 -10.88 -2.47 15.90
N GLY A 284 -11.82 -3.41 15.73
CA GLY A 284 -13.30 -3.30 15.85
C GLY A 284 -14.07 -2.14 15.25
N GLY A 285 -14.27 -2.07 13.92
CA GLY A 285 -14.01 -3.12 12.95
C GLY A 285 -15.25 -3.96 12.70
N GLY A 286 -15.74 -4.03 11.44
CA GLY A 286 -15.31 -3.17 10.32
C GLY A 286 -13.95 -3.37 9.65
N GLY A 287 -13.94 -3.92 8.43
CA GLY A 287 -15.13 -4.43 7.73
C GLY A 287 -14.72 -5.62 6.88
N ASN A 288 -14.32 -5.40 5.62
CA ASN A 288 -13.83 -6.51 4.81
C ASN A 288 -12.29 -6.71 4.91
N ASN A 289 -11.86 -7.97 4.94
CA ASN A 289 -10.45 -8.37 4.89
C ASN A 289 -9.89 -8.33 3.46
N HIS A 290 -8.70 -7.77 3.28
CA HIS A 290 -7.95 -7.89 2.02
C HIS A 290 -6.47 -8.02 2.38
N HIS A 291 -5.76 -8.95 1.73
CA HIS A 291 -4.42 -9.29 2.19
C HIS A 291 -3.50 -9.74 1.05
N ALA A 292 -2.18 -9.77 1.33
CA ALA A 292 -1.22 -10.44 0.45
C ALA A 292 -0.02 -10.88 1.27
N VAL A 293 0.43 -12.12 1.05
CA VAL A 293 1.55 -12.69 1.81
C VAL A 293 2.81 -12.51 0.98
N PHE A 294 3.92 -12.12 1.62
CA PHE A 294 5.17 -11.88 0.89
C PHE A 294 6.38 -12.10 1.80
N ASN A 295 7.50 -12.35 1.15
CA ASN A 295 8.79 -12.49 1.85
C ASN A 295 9.67 -11.30 1.49
N PHE A 296 10.08 -10.51 2.49
CA PHE A 296 10.92 -9.34 2.27
C PHE A 296 12.12 -9.41 3.20
N LYS A 297 13.31 -9.24 2.61
CA LYS A 297 14.56 -9.39 3.35
C LYS A 297 14.50 -10.65 4.22
N ASN A 298 14.03 -11.75 3.59
CA ASN A 298 14.13 -13.11 4.14
C ASN A 298 13.26 -13.36 5.35
N GLU A 299 12.20 -12.56 5.50
CA GLU A 299 11.18 -12.87 6.50
C GLU A 299 9.80 -12.82 5.86
N TRP A 300 8.92 -13.70 6.33
CA TRP A 300 7.51 -13.74 5.88
C TRP A 300 6.59 -12.74 6.55
N TYR A 301 5.79 -12.05 5.75
CA TYR A 301 4.83 -11.06 6.27
C TYR A 301 3.49 -11.19 5.58
N VAL A 302 2.47 -10.56 6.16
CA VAL A 302 1.22 -10.32 5.42
C VAL A 302 0.91 -8.83 5.49
N VAL A 303 0.56 -8.25 4.35
CA VAL A 303 0.04 -6.91 4.34
C VAL A 303 -1.52 -7.05 4.27
N TYR A 304 -2.24 -6.21 5.00
CA TYR A 304 -3.70 -6.36 5.03
C TYR A 304 -4.25 -4.95 5.30
N HIS A 305 -5.58 -4.80 5.34
CA HIS A 305 -6.14 -3.48 5.64
C HIS A 305 -7.11 -3.48 6.84
N ALA A 306 -7.31 -2.30 7.42
CA ALA A 306 -8.17 -2.12 8.59
C ALA A 306 -8.67 -0.70 8.49
N GLN A 307 -9.75 -0.39 9.20
CA GLN A 307 -10.29 0.97 9.18
C GLN A 307 -9.79 1.82 10.36
N THR A 308 -8.47 1.81 10.58
CA THR A 308 -7.87 2.37 11.80
C THR A 308 -7.61 3.86 11.79
N VAL A 309 -7.54 4.47 10.60
CA VAL A 309 -7.30 5.92 10.48
C VAL A 309 -8.65 6.66 10.55
N SER A 310 -9.59 6.25 9.70
CA SER A 310 -10.94 6.86 9.72
C SER A 310 -11.57 6.69 11.08
N SER A 311 -11.37 5.54 11.69
CA SER A 311 -11.83 5.22 13.06
CA SER A 311 -11.88 5.27 13.05
C SER A 311 -11.38 6.32 14.03
N ALA A 312 -10.07 6.61 14.00
CA ALA A 312 -9.50 7.58 14.94
C ALA A 312 -9.96 9.01 14.65
N LEU A 313 -10.17 9.33 13.37
CA LEU A 313 -10.66 10.65 13.01
C LEU A 313 -12.15 10.89 13.26
N PHE A 314 -12.98 9.88 12.97
CA PHE A 314 -14.44 10.08 12.97
C PHE A 314 -15.19 9.38 14.08
N GLY A 315 -14.58 8.42 14.74
CA GLY A 315 -15.30 7.58 15.72
C GLY A 315 -16.07 6.46 15.06
N ALA A 316 -15.87 6.28 13.73
CA ALA A 316 -16.38 5.13 12.99
C ALA A 316 -15.50 4.93 11.75
N GLY A 317 -15.36 3.69 11.28
CA GLY A 317 -14.50 3.37 10.13
C GLY A 317 -15.04 3.93 8.83
N LYS A 318 -16.37 3.79 8.66
CA LYS A 318 -17.14 4.30 7.52
C LYS A 318 -16.67 3.76 6.15
N GLY A 319 -16.05 2.59 6.16
CA GLY A 319 -15.63 1.93 4.94
C GLY A 319 -14.29 2.45 4.42
N TYR A 320 -13.59 3.29 5.18
CA TYR A 320 -12.26 3.81 4.75
C TYR A 320 -11.12 3.05 5.36
N ARG A 321 -10.21 2.59 4.49
CA ARG A 321 -9.25 1.54 4.85
C ARG A 321 -7.80 2.01 4.75
N SER A 322 -6.97 1.38 5.58
CA SER A 322 -5.53 1.72 5.73
C SER A 322 -4.68 0.46 5.73
N PRO A 323 -3.44 0.52 5.21
CA PRO A 323 -2.60 -0.70 5.22
C PRO A 323 -1.93 -0.98 6.55
N HIS A 324 -1.75 -2.25 6.87
CA HIS A 324 -1.05 -2.71 8.06
C HIS A 324 -0.13 -3.85 7.57
N ILE A 325 0.98 -4.09 8.26
CA ILE A 325 1.76 -5.32 8.07
C ILE A 325 2.04 -6.00 9.42
N ASN A 326 1.91 -7.32 9.47
CA ASN A 326 2.45 -8.09 10.57
C ASN A 326 3.20 -9.32 10.03
N LYS A 327 4.00 -9.92 10.90
CA LYS A 327 4.73 -11.15 10.55
C LYS A 327 3.77 -12.34 10.36
N LEU A 328 4.18 -13.28 9.51
CA LEU A 328 3.47 -14.50 9.24
C LEU A 328 4.44 -15.67 9.43
N VAL A 329 3.95 -16.68 10.13
CA VAL A 329 4.75 -17.81 10.53
C VAL A 329 4.22 -19.12 9.96
N HIS A 330 5.07 -19.80 9.16
CA HIS A 330 4.80 -21.15 8.71
C HIS A 330 5.35 -22.16 9.76
N ASN A 331 4.57 -23.21 10.05
CA ASN A 331 5.00 -24.23 10.99
C ASN A 331 5.79 -25.29 10.26
N ALA A 332 6.37 -26.23 11.01
CA ALA A 332 7.15 -27.33 10.40
C ALA A 332 6.29 -28.18 9.49
N ASP A 333 5.00 -28.29 9.80
CA ASP A 333 4.13 -29.11 8.98
C ASP A 333 3.57 -28.39 7.75
N GLY A 334 3.93 -27.12 7.58
CA GLY A 334 3.47 -26.34 6.42
C GLY A 334 2.24 -25.50 6.67
N SER A 335 1.63 -25.67 7.84
CA SER A 335 0.47 -24.88 8.26
C SER A 335 0.92 -23.49 8.65
N ILE A 336 -0.02 -22.56 8.73
CA ILE A 336 0.32 -21.17 9.05
C ILE A 336 -0.36 -20.77 10.35
N GLN A 337 0.40 -20.17 11.28
CA GLN A 337 -0.15 -19.68 12.56
C GLN A 337 -1.04 -18.48 12.38
N GLU A 338 -2.02 -18.34 13.27
CA GLU A 338 -2.84 -17.15 13.28
C GLU A 338 -1.95 -15.91 13.34
N VAL A 339 -2.18 -14.97 12.43
CA VAL A 339 -1.42 -13.73 12.44
C VAL A 339 -1.90 -12.86 13.60
N ALA A 340 -0.95 -12.33 14.37
CA ALA A 340 -1.28 -11.48 15.49
C ALA A 340 -1.30 -10.01 15.07
N ALA A 341 -2.41 -9.60 14.45
CA ALA A 341 -2.55 -8.27 13.89
C ALA A 341 -2.60 -7.28 15.03
N ASN A 342 -1.92 -6.14 14.89
CA ASN A 342 -1.87 -5.20 16.01
C ASN A 342 -1.41 -3.83 15.54
N TYR A 343 -1.22 -2.90 16.48
CA TYR A 343 -0.67 -1.60 16.15
C TYR A 343 0.86 -1.58 16.19
N ALA A 344 1.47 -2.31 17.12
CA ALA A 344 2.93 -2.30 17.23
C ALA A 344 3.59 -2.57 15.87
N GLY A 345 3.07 -3.55 15.15
CA GLY A 345 3.56 -3.88 13.82
C GLY A 345 4.98 -4.42 13.84
N VAL A 346 5.71 -4.19 12.77
CA VAL A 346 7.04 -4.80 12.59
C VAL A 346 8.13 -3.81 13.04
N THR A 347 9.02 -4.30 13.91
CA THR A 347 10.17 -3.55 14.42
C THR A 347 11.11 -3.21 13.23
N GLN A 348 11.59 -1.97 13.19
CA GLN A 348 12.47 -1.52 12.12
C GLN A 348 13.63 -2.50 11.86
N ILE A 349 13.86 -2.79 10.58
CA ILE A 349 14.72 -3.88 10.11
C ILE A 349 16.13 -3.38 9.90
N SER A 350 16.25 -2.13 9.48
CA SER A 350 17.54 -1.54 9.23
C SER A 350 17.49 -0.05 9.45
N ASN A 351 18.63 0.53 9.79
CA ASN A 351 18.75 1.96 9.99
C ASN A 351 18.62 2.70 8.66
N LEU A 352 18.27 3.97 8.77
CA LEU A 352 18.21 4.86 7.63
C LEU A 352 19.50 5.68 7.57
N ASN A 353 20.03 5.85 6.37
CA ASN A 353 21.27 6.63 6.17
C ASN A 353 20.92 8.09 5.85
N PRO A 354 21.23 9.02 6.79
CA PRO A 354 20.80 10.40 6.65
C PRO A 354 21.69 11.28 5.76
N TYR A 355 22.76 10.69 5.22
CA TYR A 355 23.73 11.42 4.41
C TYR A 355 23.48 11.30 2.91
N ASN A 356 22.53 10.45 2.50
CA ASN A 356 22.02 10.50 1.11
C ASN A 356 20.91 11.53 1.06
N ARG A 357 20.50 11.97 -0.14
CA ARG A 357 19.22 12.65 -0.31
C ARG A 357 18.13 11.68 0.15
N VAL A 358 17.30 12.16 1.10
CA VAL A 358 16.12 11.46 1.59
C VAL A 358 14.91 12.36 1.24
N GLU A 359 13.93 11.80 0.56
CA GLU A 359 12.69 12.55 0.27
C GLU A 359 12.05 13.03 1.56
N ALA A 360 11.52 14.27 1.60
CA ALA A 360 10.79 14.71 2.77
C ALA A 360 9.57 13.78 3.01
N GLU A 361 9.05 13.23 1.91
CA GLU A 361 7.90 12.30 1.91
C GLU A 361 8.32 10.86 2.25
N THR A 362 9.56 10.71 2.70
CA THR A 362 10.02 9.50 3.38
C THR A 362 10.02 9.73 4.90
N PHE A 363 9.01 9.18 5.57
CA PHE A 363 8.89 9.37 7.00
C PHE A 363 8.16 8.20 7.62
N ALA A 364 8.32 8.06 8.94
CA ALA A 364 7.74 6.97 9.73
C ALA A 364 6.52 7.43 10.51
N TRP A 365 6.56 8.66 11.01
CA TRP A 365 5.45 9.24 11.79
C TRP A 365 5.25 10.70 11.35
N ASN A 366 4.04 11.21 11.52
CA ASN A 366 3.77 12.61 11.24
C ASN A 366 2.56 13.12 12.03
N GLY A 367 2.55 14.43 12.29
CA GLY A 367 1.39 15.10 12.90
C GLY A 367 1.40 16.54 12.43
N ARG A 368 0.51 16.95 11.55
CA ARG A 368 -0.27 16.10 10.66
C ARG A 368 -0.11 16.84 9.36
N ILE A 369 0.42 16.15 8.34
CA ILE A 369 0.69 16.77 7.07
C ILE A 369 0.03 15.99 5.92
N LEU A 370 0.22 16.49 4.70
CA LEU A 370 -0.19 15.75 3.52
C LEU A 370 1.00 15.62 2.60
N THR A 371 0.94 14.69 1.64
CA THR A 371 1.90 14.63 0.56
C THR A 371 1.17 14.79 -0.79
N GLU A 372 1.82 15.42 -1.76
CA GLU A 372 1.23 15.55 -3.10
C GLU A 372 2.34 15.59 -4.14
N LYS A 373 1.98 15.55 -5.42
CA LYS A 373 2.98 15.61 -6.48
C LYS A 373 3.64 16.97 -6.46
N SER A 374 4.97 16.99 -6.62
CA SER A 374 5.74 18.22 -6.46
C SER A 374 6.10 18.90 -7.77
N THR A 375 6.16 20.22 -7.73
CA THR A 375 6.68 21.03 -8.84
C THR A 375 8.21 21.20 -8.80
N ALA A 376 8.87 20.60 -7.80
CA ALA A 376 10.32 20.76 -7.63
C ALA A 376 11.10 20.20 -8.82
N PRO A 377 12.04 20.99 -9.38
CA PRO A 377 12.90 20.43 -10.44
C PRO A 377 13.65 19.18 -10.00
N GLY A 378 13.89 18.27 -10.94
CA GLY A 378 14.60 17.00 -10.68
C GLY A 378 13.77 16.05 -9.82
N GLY A 379 14.42 15.26 -8.98
CA GLY A 379 13.70 14.35 -8.08
C GLY A 379 13.42 13.01 -8.75
N PRO A 380 13.02 11.99 -7.95
CA PRO A 380 12.70 10.66 -8.48
C PRO A 380 11.41 10.68 -9.31
N VAL A 381 11.11 9.58 -9.98
CA VAL A 381 9.85 9.41 -10.73
C VAL A 381 8.64 9.69 -9.81
N ASN A 382 7.72 10.53 -10.29
CA ASN A 382 6.50 10.90 -9.55
C ASN A 382 6.82 11.58 -8.21
N ASN A 383 7.98 12.26 -8.16
CA ASN A 383 8.41 13.02 -6.96
C ASN A 383 7.26 13.78 -6.29
N GLN A 384 7.15 13.60 -4.98
CA GLN A 384 6.14 14.24 -4.16
C GLN A 384 6.82 15.27 -3.25
N HIS A 385 6.01 16.01 -2.51
CA HIS A 385 6.58 16.86 -1.43
C HIS A 385 5.62 16.82 -0.26
N VAL A 386 6.12 17.22 0.91
CA VAL A 386 5.31 17.36 2.10
C VAL A 386 4.69 18.77 2.05
N THR A 387 3.38 18.81 2.27
CA THR A 387 2.58 20.04 2.18
C THR A 387 1.53 20.03 3.30
N SER A 388 0.66 21.05 3.32
CA SER A 388 -0.25 21.25 4.44
C SER A 388 0.50 21.30 5.77
N ILE A 389 1.60 22.04 5.74
CA ILE A 389 2.45 22.24 6.92
C ILE A 389 2.04 23.54 7.65
N GLN A 390 1.54 23.41 8.87
CA GLN A 390 1.19 24.55 9.69
C GLN A 390 2.07 24.55 10.96
N ASN A 391 2.16 25.72 11.62
CA ASN A 391 2.86 25.84 12.89
C ASN A 391 2.55 24.71 13.87
N GLY A 392 3.62 24.05 14.31
CA GLY A 392 3.44 22.96 15.26
C GLY A 392 3.35 21.58 14.64
N ASP A 393 3.21 21.51 13.32
CA ASP A 393 3.25 20.21 12.62
C ASP A 393 4.69 19.66 12.62
N TRP A 394 4.83 18.36 12.37
CA TRP A 394 6.16 17.73 12.30
C TRP A 394 6.06 16.40 11.50
N ILE A 395 7.20 15.95 10.97
CA ILE A 395 7.37 14.57 10.47
C ILE A 395 8.60 13.98 11.15
N ALA A 396 8.70 12.66 11.17
CA ALA A 396 9.85 12.01 11.81
C ALA A 396 10.28 10.74 11.06
N VAL A 397 11.59 10.46 11.08
CA VAL A 397 12.11 9.20 10.55
C VAL A 397 12.57 8.29 11.69
N GLY A 398 12.47 6.98 11.48
CA GLY A 398 12.94 6.01 12.49
C GLY A 398 14.42 5.72 12.28
N ASN A 399 15.15 5.62 13.39
CA ASN A 399 16.55 5.16 13.42
C ASN A 399 17.44 5.63 12.30
N ALA A 400 17.61 6.94 12.17
CA ALA A 400 18.64 7.45 11.25
C ALA A 400 19.97 7.22 11.98
N ASP A 401 20.97 6.73 11.26
CA ASP A 401 22.26 6.43 11.88
C ASP A 401 23.27 7.50 11.45
N PHE A 402 23.54 8.40 12.38
CA PHE A 402 24.48 9.49 12.14
C PHE A 402 25.94 9.04 12.22
N GLY A 403 26.15 7.83 12.76
CA GLY A 403 27.50 7.28 12.96
C GLY A 403 28.15 7.95 14.15
N ALA A 404 29.31 7.44 14.59
CA ALA A 404 30.01 8.00 15.77
C ALA A 404 30.58 9.42 15.51
N GLY A 405 30.95 9.70 14.27
CA GLY A 405 31.41 11.02 13.84
C GLY A 405 30.32 12.08 13.74
N GLY A 406 29.11 11.67 13.34
CA GLY A 406 27.94 12.55 13.39
C GLY A 406 27.90 13.54 12.25
N ALA A 407 26.90 14.42 12.27
CA ALA A 407 26.65 15.31 11.14
C ALA A 407 27.17 16.74 11.34
N ARG A 408 27.52 17.37 10.24
CA ARG A 408 28.04 18.73 10.18
C ARG A 408 26.96 19.75 9.83
N SER A 409 26.10 19.41 8.88
CA SER A 409 25.06 20.32 8.43
C SER A 409 23.80 19.59 7.93
N PHE A 410 22.79 20.40 7.59
CA PHE A 410 21.46 19.89 7.20
C PHE A 410 21.02 20.70 6.00
N LYS A 411 20.68 20.02 4.90
CA LYS A 411 20.14 20.72 3.73
C LYS A 411 18.67 20.32 3.54
N ALA A 412 17.85 21.25 3.09
CA ALA A 412 16.41 20.98 2.84
C ALA A 412 16.01 21.70 1.56
N ASN A 413 15.31 21.03 0.65
CA ASN A 413 14.78 21.71 -0.53
C ASN A 413 13.36 22.18 -0.24
N VAL A 414 13.13 23.49 -0.31
CA VAL A 414 11.87 24.09 0.16
C VAL A 414 11.30 25.13 -0.80
N ALA A 415 9.99 25.34 -0.74
CA ALA A 415 9.28 26.41 -1.48
C ALA A 415 8.33 27.13 -0.52
N SER A 416 8.38 28.45 -0.50
CA SER A 416 7.63 29.23 0.49
C SER A 416 7.22 30.64 0.03
N THR A 417 5.96 30.98 0.22
CA THR A 417 5.47 32.36 0.01
C THR A 417 6.08 33.26 1.09
N LEU A 418 5.83 32.94 2.35
CA LEU A 418 6.15 33.82 3.48
C LEU A 418 7.32 33.42 4.40
N GLY A 419 7.83 32.18 4.28
CA GLY A 419 8.92 31.71 5.14
C GLY A 419 8.48 31.00 6.42
N GLY A 420 9.46 30.45 7.14
CA GLY A 420 9.19 29.72 8.40
C GLY A 420 10.48 29.05 8.85
N LYS A 421 10.39 28.04 9.72
CA LYS A 421 11.56 27.31 10.23
C LYS A 421 11.38 25.77 10.23
N ILE A 422 12.48 25.04 10.04
CA ILE A 422 12.52 23.59 10.34
C ILE A 422 13.47 23.32 11.51
N GLU A 423 12.91 22.94 12.66
CA GLU A 423 13.74 22.46 13.75
C GLU A 423 14.10 20.99 13.52
N VAL A 424 15.38 20.66 13.74
CA VAL A 424 15.84 19.27 13.71
C VAL A 424 16.04 18.76 15.12
N ARG A 425 15.22 17.81 15.53
CA ARG A 425 15.29 17.26 16.88
C ARG A 425 15.50 15.75 16.93
N LEU A 426 16.21 15.30 17.94
CA LEU A 426 16.42 13.86 18.10
C LEU A 426 15.41 13.29 19.06
N ASP A 427 15.01 12.05 18.80
CA ASP A 427 14.29 11.15 19.73
C ASP A 427 12.80 11.41 19.93
N SER A 428 12.41 12.68 19.95
CA SER A 428 11.02 13.06 20.20
C SER A 428 10.75 14.44 19.62
N ALA A 429 9.48 14.79 19.46
CA ALA A 429 9.13 16.08 18.84
C ALA A 429 9.54 17.29 19.72
N ASP A 430 9.79 17.04 21.00
CA ASP A 430 10.36 18.08 21.90
C ASP A 430 11.81 17.75 22.30
N GLY A 431 12.49 16.93 21.48
CA GLY A 431 13.77 16.36 21.88
C GLY A 431 14.94 17.26 21.60
N LYS A 432 16.15 16.74 21.86
CA LYS A 432 17.37 17.52 21.66
C LYS A 432 17.38 18.24 20.33
N LEU A 433 17.52 19.55 20.37
CA LEU A 433 17.61 20.35 19.16
C LEU A 433 19.05 20.37 18.61
N VAL A 434 19.24 19.88 17.38
CA VAL A 434 20.57 19.80 16.78
C VAL A 434 20.81 20.84 15.69
N GLY A 435 19.74 21.55 15.31
CA GLY A 435 19.86 22.58 14.29
C GLY A 435 18.51 23.17 13.99
N THR A 436 18.50 24.38 13.45
CA THR A 436 17.27 25.04 13.05
C THR A 436 17.52 25.63 11.69
N LEU A 437 16.69 25.25 10.74
CA LEU A 437 16.80 25.73 9.37
C LEU A 437 15.77 26.81 9.10
N ASN A 438 16.27 27.96 8.62
CA ASN A 438 15.40 29.09 8.30
C ASN A 438 14.98 28.98 6.86
N VAL A 439 13.69 28.79 6.63
CA VAL A 439 13.20 28.79 5.26
C VAL A 439 12.76 30.20 4.85
N PRO A 440 13.41 30.72 3.81
CA PRO A 440 13.08 32.08 3.38
C PRO A 440 11.79 32.09 2.56
N SER A 441 11.28 33.28 2.27
CA SER A 441 10.34 33.43 1.17
C SER A 441 11.20 33.14 -0.05
N THR A 442 10.69 32.29 -0.95
CA THR A 442 11.48 31.82 -2.10
C THR A 442 10.93 32.36 -3.40
N GLY A 443 9.71 32.86 -3.36
CA GLY A 443 9.00 33.32 -4.54
C GLY A 443 7.57 32.82 -4.50
N GLY A 444 7.34 31.79 -3.68
CA GLY A 444 6.02 31.17 -3.56
C GLY A 444 6.10 29.65 -3.57
N ALA A 445 4.92 29.03 -3.56
CA ALA A 445 4.74 27.58 -3.31
C ALA A 445 5.31 26.62 -4.37
N GLN A 446 5.80 27.18 -5.48
CA GLN A 446 6.25 26.42 -6.64
C GLN A 446 7.64 26.84 -7.05
N THR A 447 8.28 27.65 -6.21
CA THR A 447 9.63 28.15 -6.47
C THR A 447 10.62 27.65 -5.40
N TRP A 448 11.65 26.93 -5.83
CA TRP A 448 12.44 26.06 -4.95
C TRP A 448 13.87 26.51 -4.73
N ARG A 449 14.33 26.41 -3.48
CA ARG A 449 15.74 26.47 -3.19
C ARG A 449 16.15 25.48 -2.13
N GLU A 450 17.39 25.01 -2.25
CA GLU A 450 18.01 24.15 -1.25
C GLU A 450 18.73 25.05 -0.26
N ILE A 451 18.41 24.88 1.02
CA ILE A 451 18.95 25.70 2.09
C ILE A 451 19.80 24.81 2.99
N GLU A 452 20.95 25.35 3.39
CA GLU A 452 21.84 24.67 4.32
C GLU A 452 21.92 25.39 5.67
N THR A 453 22.04 24.61 6.73
CA THR A 453 22.30 25.14 8.07
C THR A 453 23.17 24.18 8.87
N ALA A 454 23.77 24.70 9.93
CA ALA A 454 24.68 23.93 10.78
C ALA A 454 23.93 22.97 11.68
N VAL A 455 24.58 21.87 12.01
CA VAL A 455 24.06 20.90 12.94
C VAL A 455 25.16 20.51 13.92
N SER A 456 24.78 20.29 15.17
CA SER A 456 25.71 19.85 16.19
C SER A 456 25.04 18.88 17.16
N GLY A 457 25.76 17.86 17.55
CA GLY A 457 25.22 16.89 18.51
C GLY A 457 24.42 15.76 17.89
N ALA A 458 24.51 15.60 16.57
CA ALA A 458 23.81 14.50 15.89
C ALA A 458 24.78 13.34 15.65
N THR A 459 24.76 12.35 16.55
CA THR A 459 25.66 11.19 16.42
C THR A 459 24.87 9.96 16.85
N GLY A 460 25.28 8.78 16.38
CA GLY A 460 24.59 7.57 16.78
C GLY A 460 23.25 7.38 16.06
N VAL A 461 22.43 6.49 16.60
CA VAL A 461 21.16 6.11 15.97
C VAL A 461 20.02 6.76 16.75
N HIS A 462 19.20 7.56 16.05
CA HIS A 462 18.07 8.28 16.67
C HIS A 462 16.88 8.36 15.72
N LYS A 463 15.66 8.31 16.27
CA LYS A 463 14.50 8.91 15.56
C LYS A 463 14.89 10.36 15.34
N VAL A 464 14.55 10.92 14.18
CA VAL A 464 14.80 12.33 13.91
C VAL A 464 13.47 12.98 13.61
N PHE A 465 13.20 14.09 14.31
CA PHE A 465 11.98 14.87 14.13
C PHE A 465 12.27 16.16 13.39
N PHE A 466 11.48 16.45 12.36
CA PHE A 466 11.51 17.73 11.64
C PHE A 466 10.25 18.51 12.02
N VAL A 467 10.44 19.54 12.86
CA VAL A 467 9.33 20.31 13.46
C VAL A 467 9.20 21.66 12.78
N PHE A 468 7.99 21.95 12.30
CA PHE A 468 7.77 23.10 11.46
C PHE A 468 7.14 24.21 12.28
N THR A 469 7.71 25.40 12.20
CA THR A 469 7.20 26.53 12.99
C THR A 469 7.12 27.73 12.08
N GLY A 470 6.29 28.71 12.45
CA GLY A 470 6.10 29.90 11.62
C GLY A 470 4.93 30.74 12.12
N THR A 471 4.80 31.97 11.63
CA THR A 471 3.78 32.87 12.23
C THR A 471 2.42 32.76 11.54
N GLY A 472 2.42 32.37 10.26
CA GLY A 472 1.18 32.07 9.50
C GLY A 472 0.15 31.17 10.19
N THR A 473 -1.10 31.26 9.73
CA THR A 473 -2.21 30.47 10.26
C THR A 473 -2.64 29.30 9.31
N GLY A 474 -2.07 29.29 8.10
CA GLY A 474 -2.21 28.17 7.18
C GLY A 474 -0.86 27.56 6.85
N ASN A 475 -0.73 27.05 5.61
CA ASN A 475 0.47 26.39 5.10
CA ASN A 475 0.48 26.38 5.06
C ASN A 475 1.72 27.28 5.03
N LEU A 476 2.79 26.86 5.72
CA LEU A 476 4.06 27.62 5.83
C LEU A 476 5.01 27.47 4.66
N PHE A 477 5.21 26.22 4.21
CA PHE A 477 6.07 25.93 3.08
C PHE A 477 5.84 24.51 2.60
N ASN A 478 6.35 24.21 1.42
CA ASN A 478 6.44 22.86 0.87
C ASN A 478 7.87 22.36 1.01
N PHE A 479 8.02 21.06 1.22
CA PHE A 479 9.29 20.45 1.67
C PHE A 479 9.48 19.18 0.83
N ASP A 480 10.53 19.19 0.01
CA ASP A 480 10.72 18.19 -1.06
C ASP A 480 11.67 17.07 -0.67
N TYR A 481 12.85 17.42 -0.16
CA TYR A 481 13.85 16.43 0.24
C TYR A 481 14.83 17.07 1.23
N TRP A 482 15.61 16.25 1.91
CA TRP A 482 16.64 16.75 2.81
C TRP A 482 17.86 15.85 2.73
N GLN A 483 18.96 16.32 3.31
CA GLN A 483 20.22 15.58 3.33
C GLN A 483 21.11 16.19 4.43
N PHE A 484 21.73 15.36 5.26
CA PHE A 484 22.77 15.85 6.18
C PHE A 484 24.14 15.67 5.52
N THR A 485 25.14 16.40 6.01
CA THR A 485 26.53 16.18 5.55
C THR A 485 27.33 15.66 6.72
N GLN A 486 28.33 14.83 6.44
CA GLN A 486 29.13 14.20 7.48
C GLN A 486 30.15 15.17 8.02
N ARG A 487 30.38 15.08 9.33
CA ARG A 487 31.39 15.89 9.98
C ARG A 487 32.78 15.40 9.58
O1 XYP B . -19.18 -5.64 -8.79
C1 XYP B . -18.76 -5.12 -7.53
C2 XYP B . -19.96 -4.61 -6.78
C3 XYP B . -19.55 -4.17 -5.37
C4 XYP B . -18.81 -5.30 -4.65
C5 XYP B . -17.63 -5.69 -5.55
O2 XYP B . -20.48 -3.49 -7.47
O3 XYP B . -20.68 -3.79 -4.63
O4 XYP B . -18.35 -4.86 -3.39
O5 XYP B . -18.09 -6.08 -6.83
C1 XYP B . -18.22 -5.91 -2.41
C2 XYP B . -16.86 -5.76 -1.74
C3 XYP B . -16.72 -6.40 -0.32
C4 XYP B . -18.06 -6.38 0.45
C5 XYP B . -19.23 -6.77 -0.45
O2 XYP B . -15.88 -6.31 -2.60
O3 XYP B . -15.66 -5.83 0.45
O4 XYP B . -17.99 -7.31 1.53
O5 XYP B . -19.30 -5.91 -1.57
C1 XYP B . -18.53 -6.81 2.79
C2 XYP B . -19.67 -7.75 3.17
C3 XYP B . -20.20 -7.51 4.59
C4 XYP B . -19.03 -7.43 5.56
C5 XYP B . -18.05 -6.34 5.07
O2 XYP B . -20.68 -7.69 2.20
O3 XYP B . -21.07 -8.55 4.99
O4 XYP B . -19.46 -7.26 6.90
O5 XYP B . -17.56 -6.67 3.76
CA CA C . 10.30 14.74 -2.79
NA NA D . -0.99 20.22 8.69
NA NA E . -5.27 -7.92 -3.70
C1 GOL F . 18.09 -7.36 -0.37
O1 GOL F . 18.17 -6.40 0.69
C2 GOL F . 18.39 -8.86 -0.02
O2 GOL F . 19.02 -9.13 1.25
C3 GOL F . 17.15 -9.73 -0.20
O3 GOL F . 17.44 -11.10 0.07
C FMT G . -8.99 -27.12 -6.21
O1 FMT G . -8.09 -27.01 -7.11
O2 FMT G . -10.23 -26.85 -6.42
C FMT H . 14.32 -7.58 -0.56
O1 FMT H . 14.48 -7.35 -1.80
O2 FMT H . 13.93 -8.72 -0.20
C FMT I . 2.27 7.35 -16.42
O1 FMT I . 2.56 6.74 -15.37
O2 FMT I . 1.58 8.40 -16.31
C FMT J . 18.54 -7.84 4.01
O1 FMT J . 18.89 -6.91 3.25
O2 FMT J . 18.27 -8.96 3.47
C FMT K . -0.89 -3.06 19.89
O1 FMT K . 0.24 -3.46 19.58
O2 FMT K . -1.89 -3.42 19.22
C FMT L . 3.50 -11.52 -7.04
O1 FMT L . 3.26 -12.32 -6.09
O2 FMT L . 2.75 -10.53 -7.29
C1 GOL M . -12.35 -4.53 -3.99
O1 GOL M . -12.72 -5.93 -4.10
C2 GOL M . -13.48 -3.70 -3.37
O2 GOL M . -13.71 -4.18 -2.04
C3 GOL M . -13.12 -2.21 -3.34
O3 GOL M . -12.13 -1.93 -2.33
#